data_5NJI
#
_entry.id   5NJI
#
_cell.length_a   117.377
_cell.length_b   70.810
_cell.length_c   42.571
_cell.angle_alpha   90.00
_cell.angle_beta   104.87
_cell.angle_gamma   90.00
#
_symmetry.space_group_name_H-M   'C 1 2 1'
#
loop_
_entity.id
_entity.type
_entity.pdbx_description
1 polymer 'Phthiocerol/phenolphthiocerol synthesis polyketide synthase type I PpsC'
2 non-polymer '~{S}-[2-[3-[[(2~{R})-4-[[[(2~{R},3~{S},4~{R},5~{R})-5-(6-aminopurin-9-yl)-4-oxidanyl-3-phosphonooxy-oxolan-2-yl]methoxy-oxidanyl-phosphoryl]oxy-oxidanyl-phosphoryl]oxy-3,3-dimethyl-2-oxidanyl-butanoyl]amino]propanoylamino]ethyl] (~{E})-dodec-2-enethioate'
3 water water
#
_entity_poly.entity_id   1
_entity_poly.type   'polypeptide(L)'
_entity_poly.pdbx_seq_one_letter_code
;MGSSHHHHHHSSGLVPRGSHMAYHRPDTHPLLGVGVTDPTNGTRVWESELDPDLLWLADFVIDDLVVLPGAAYAEIALAA
ATDTFAVEQDQPWMISELDLRQMLHVTPGTVLVTTLTGDEQRCQVEIRTRSGSSGWTTHATATVARAEPLAPLDHEGQRR
EVTTADLEDQLDPDDLYQRLRGAGQQHGPAFQGIVGLAVTQAGVARAQVRLPASARTGSREFMLHPVMMDIALQTLGATR
TATDLAGGQDARQGPSSNSALVVPVRFAGVHVYGDITRGVRAVGSLAAAGDRLVGEVVLTDANGQPLLVVDEVEMAVLTS
GS
;
_entity_poly.pdbx_strand_id   A
#
loop_
_chem_comp.id
_chem_comp.type
_chem_comp.name
_chem_comp.formula
8Z2 non-polymer '~{S}-[2-[3-[[(2~{R})-4-[[[(2~{R},3~{S},4~{R},5~{R})-5-(6-aminopurin-9-yl)-4-oxidanyl-3-phosphonooxy-oxolan-2-yl]methoxy-oxidanyl-phosphoryl]oxy-oxidanyl-phosphoryl]oxy-3,3-dimethyl-2-oxidanyl-butanoyl]amino]propanoylamino]ethyl] (~{E})-dodec-2-enethioate' 'C33 H56 N7 O17 P3 S'
#
# COMPACT_ATOMS: atom_id res chain seq x y z
N ASP A 27 6.56 -2.86 21.36
CA ASP A 27 5.20 -3.16 21.00
C ASP A 27 4.84 -1.93 20.17
N THR A 28 5.78 -1.01 20.05
CA THR A 28 5.44 0.19 19.30
C THR A 28 5.44 -0.07 17.80
N HIS A 29 4.39 0.36 17.14
CA HIS A 29 4.32 0.26 15.68
C HIS A 29 5.41 1.13 15.04
N PRO A 30 6.24 0.60 14.14
CA PRO A 30 7.38 1.39 13.65
C PRO A 30 7.01 2.51 12.71
N LEU A 31 5.81 2.50 12.12
CA LEU A 31 5.40 3.58 11.23
C LEU A 31 4.40 4.53 11.90
N LEU A 32 3.53 3.99 12.74
CA LEU A 32 2.52 4.81 13.40
C LEU A 32 3.08 5.49 14.64
N GLY A 33 3.85 4.77 15.42
CA GLY A 33 4.46 5.37 16.59
C GLY A 33 3.57 5.29 17.81
N VAL A 34 3.87 6.16 18.76
CA VAL A 34 3.22 6.13 20.07
C VAL A 34 2.14 7.20 20.12
N GLY A 35 1.00 6.85 20.72
CA GLY A 35 -0.19 7.67 20.65
C GLY A 35 -0.70 8.12 22.01
N VAL A 36 -1.42 9.24 21.98
CA VAL A 36 -2.12 9.80 23.14
C VAL A 36 -3.41 10.37 22.61
N THR A 37 -4.42 10.46 23.47
CA THR A 37 -5.67 11.13 23.12
C THR A 37 -5.69 12.51 23.76
N ASP A 38 -5.88 13.53 22.92
CA ASP A 38 -5.96 14.92 23.38
C ASP A 38 -7.27 15.11 24.14
N PRO A 39 -7.25 15.39 25.45
CA PRO A 39 -8.51 15.50 26.19
C PRO A 39 -9.33 16.72 25.81
N THR A 40 -8.74 17.71 25.15
CA THR A 40 -9.45 18.93 24.87
C THR A 40 -10.35 18.83 23.64
N ASN A 41 -10.10 17.83 22.78
CA ASN A 41 -10.93 17.65 21.58
C ASN A 41 -11.26 16.17 21.22
N GLY A 42 -10.74 15.23 22.00
CA GLY A 42 -10.97 13.82 21.75
C GLY A 42 -10.18 13.23 20.60
N THR A 43 -9.32 14.00 19.95
CA THR A 43 -8.54 13.52 18.82
C THR A 43 -7.37 12.69 19.29
N ARG A 44 -7.17 11.53 18.68
CA ARG A 44 -6.00 10.74 19.01
C ARG A 44 -4.87 11.17 18.10
N VAL A 45 -3.66 11.22 18.65
CA VAL A 45 -2.48 11.76 17.96
C VAL A 45 -1.33 10.80 18.17
N TRP A 46 -0.60 10.47 17.11
CA TRP A 46 0.60 9.67 17.20
C TRP A 46 1.77 10.39 16.55
N GLU A 47 2.97 10.10 17.03
CA GLU A 47 4.21 10.56 16.39
C GLU A 47 5.16 9.38 16.23
N SER A 48 5.77 9.30 15.05
CA SER A 48 6.79 8.28 14.83
C SER A 48 8.01 8.94 14.25
N GLU A 49 9.18 8.43 14.59
CA GLU A 49 10.42 8.93 14.02
C GLU A 49 10.77 8.03 12.86
N LEU A 50 10.82 8.60 11.67
CA LEU A 50 11.22 7.89 10.47
C LEU A 50 12.62 8.34 10.05
N ASP A 51 13.34 7.43 9.41
CA ASP A 51 14.70 7.63 8.95
C ASP A 51 14.88 6.67 7.78
N PRO A 52 15.70 7.02 6.78
CA PRO A 52 15.85 6.09 5.65
C PRO A 52 16.43 4.75 6.04
N ASP A 53 17.23 4.73 7.09
CA ASP A 53 17.72 3.44 7.57
C ASP A 53 16.72 2.61 8.40
N LEU A 54 15.46 2.98 8.46
CA LEU A 54 14.47 2.29 9.31
C LEU A 54 14.00 1.06 8.50
N LEU A 55 14.15 -0.16 9.00
CA LEU A 55 13.60 -1.37 8.38
C LEU A 55 13.92 -1.36 6.85
N TRP A 56 12.95 -1.57 5.95
CA TRP A 56 13.10 -1.64 4.47
C TRP A 56 12.81 -0.28 3.69
N LEU A 57 12.73 0.85 4.40
CA LEU A 57 12.26 2.12 3.79
C LEU A 57 13.30 2.50 2.66
N ALA A 58 14.60 2.33 2.94
CA ALA A 58 15.60 2.66 1.90
C ALA A 58 15.40 1.97 0.53
N ASP A 59 14.64 0.88 0.51
CA ASP A 59 14.44 0.15 -0.72
C ASP A 59 13.26 0.66 -1.54
N PHE A 60 12.61 1.75 -1.13
CA PHE A 60 11.55 2.35 -1.92
C PHE A 60 12.00 3.74 -2.36
N VAL A 61 12.40 3.85 -3.61
CA VAL A 61 13.09 5.04 -4.13
C VAL A 61 12.39 5.51 -5.39
N ILE A 62 12.23 6.83 -5.51
CA ILE A 62 11.72 7.46 -6.71
C ILE A 62 12.69 8.57 -7.11
N ASP A 63 13.23 8.48 -8.31
CA ASP A 63 14.18 9.50 -8.79
C ASP A 63 15.30 9.73 -7.77
N ASP A 64 15.85 8.61 -7.29
CA ASP A 64 16.98 8.55 -6.35
C ASP A 64 16.63 8.92 -4.91
N LEU A 65 15.42 9.39 -4.65
CA LEU A 65 15.03 9.80 -3.30
C LEU A 65 14.18 8.73 -2.63
N VAL A 66 14.47 8.49 -1.34
CA VAL A 66 13.65 7.59 -0.54
C VAL A 66 12.31 8.24 -0.28
N VAL A 67 11.23 7.56 -0.66
CA VAL A 67 9.90 8.10 -0.58
C VAL A 67 9.05 7.07 0.14
N LEU A 68 8.11 7.54 0.95
CA LEU A 68 7.29 6.59 1.68
C LEU A 68 6.26 5.99 0.73
N PRO A 69 6.15 4.67 0.63
CA PRO A 69 5.22 4.10 -0.35
C PRO A 69 3.77 4.29 0.07
N GLY A 70 2.90 4.37 -0.94
CA GLY A 70 1.48 4.54 -0.68
C GLY A 70 0.94 3.52 0.28
N ALA A 71 1.36 2.25 0.11
CA ALA A 71 0.87 1.19 0.98
C ALA A 71 1.18 1.44 2.45
N ALA A 72 2.23 2.20 2.76
CA ALA A 72 2.53 2.46 4.15
C ALA A 72 1.46 3.32 4.79
N TYR A 73 0.90 4.26 4.04
CA TYR A 73 -0.19 5.07 4.59
C TYR A 73 -1.41 4.21 4.89
N ALA A 74 -1.68 3.23 4.04
CA ALA A 74 -2.80 2.32 4.30
C ALA A 74 -2.59 1.58 5.62
N GLU A 75 -1.37 1.05 5.84
CA GLU A 75 -1.10 0.39 7.11
C GLU A 75 -1.22 1.35 8.29
N ILE A 76 -0.71 2.58 8.15
CA ILE A 76 -0.79 3.52 9.26
C ILE A 76 -2.24 3.80 9.62
N ALA A 77 -3.10 3.98 8.63
CA ALA A 77 -4.51 4.23 8.93
C ALA A 77 -5.15 3.05 9.64
N LEU A 78 -4.92 1.83 9.15
CA LEU A 78 -5.49 0.65 9.81
C LEU A 78 -4.94 0.46 11.21
N ALA A 79 -3.64 0.69 11.39
CA ALA A 79 -3.05 0.55 12.71
C ALA A 79 -3.59 1.61 13.66
N ALA A 80 -3.88 2.81 13.17
CA ALA A 80 -4.43 3.86 14.01
C ALA A 80 -5.80 3.46 14.54
N ALA A 81 -6.68 2.98 13.67
CA ALA A 81 -7.99 2.52 14.12
C ALA A 81 -7.85 1.39 15.13
N THR A 82 -6.98 0.43 14.85
CA THR A 82 -6.78 -0.70 15.74
C THR A 82 -6.24 -0.28 17.10
N ASP A 83 -5.39 0.74 17.14
CA ASP A 83 -4.87 1.21 18.42
C ASP A 83 -5.90 2.01 19.20
N THR A 84 -6.93 2.52 18.52
CA THR A 84 -7.92 3.38 19.16
C THR A 84 -9.12 2.61 19.68
N PHE A 85 -9.58 1.62 18.93
CA PHE A 85 -10.80 0.91 19.25
C PHE A 85 -10.50 -0.55 19.53
N ALA A 86 -11.12 -1.08 20.57
CA ALA A 86 -11.02 -2.50 20.88
C ALA A 86 -12.04 -3.24 20.04
N VAL A 87 -11.56 -4.15 19.19
CA VAL A 87 -12.43 -5.01 18.39
C VAL A 87 -11.81 -6.40 18.36
N GLU A 88 -12.62 -7.41 18.64
CA GLU A 88 -12.15 -8.78 18.82
C GLU A 88 -12.20 -9.54 17.48
N GLN A 89 -11.53 -8.97 16.49
CA GLN A 89 -11.48 -9.51 15.14
C GLN A 89 -10.06 -9.29 14.61
N ASP A 90 -9.55 -10.21 13.81
CA ASP A 90 -8.18 -10.07 13.32
C ASP A 90 -8.05 -8.89 12.36
N GLN A 91 -9.06 -8.69 11.51
CA GLN A 91 -9.07 -7.64 10.49
C GLN A 91 -10.41 -6.92 10.62
N PRO A 92 -10.53 -6.03 11.60
CA PRO A 92 -11.83 -5.37 11.86
C PRO A 92 -12.21 -4.31 10.86
N TRP A 93 -11.28 -3.84 10.01
CA TRP A 93 -11.44 -2.59 9.27
C TRP A 93 -11.27 -2.80 7.79
N MET A 94 -11.85 -1.88 7.04
CA MET A 94 -11.54 -1.66 5.64
C MET A 94 -11.18 -0.19 5.45
N ILE A 95 -10.50 0.13 4.37
CA ILE A 95 -10.28 1.51 4.00
C ILE A 95 -11.27 1.88 2.92
N SER A 96 -12.21 2.76 3.26
CA SER A 96 -13.18 3.22 2.27
C SER A 96 -12.51 4.09 1.21
N GLU A 97 -11.64 5.00 1.64
CA GLU A 97 -10.99 5.94 0.74
C GLU A 97 -9.68 6.37 1.38
N LEU A 98 -8.62 6.41 0.57
N LEU A 98 -8.63 6.44 0.56
CA LEU A 98 -7.36 6.95 1.04
CA LEU A 98 -7.31 6.89 1.00
C LEU A 98 -6.83 7.85 -0.05
C LEU A 98 -6.76 7.83 -0.05
N ASP A 99 -6.57 9.08 0.32
CA ASP A 99 -6.08 10.04 -0.60
C ASP A 99 -4.57 10.30 -0.34
N LEU A 100 -3.71 10.18 -1.36
CA LEU A 100 -2.26 10.40 -1.23
C LEU A 100 -2.04 11.82 -1.80
N ARG A 101 -2.03 12.82 -0.94
CA ARG A 101 -1.92 14.20 -1.38
CA ARG A 101 -1.93 14.21 -1.37
C ARG A 101 -0.43 14.80 -1.74
N GLN A 102 0.58 14.39 -1.00
CA GLN A 102 1.92 14.87 -1.20
C GLN A 102 2.96 13.83 -0.88
N MET A 103 3.88 13.66 -1.77
CA MET A 103 4.91 12.66 -1.56
C MET A 103 5.74 13.02 -0.34
N LEU A 104 6.16 12.00 0.40
CA LEU A 104 7.00 12.18 1.58
C LEU A 104 8.41 11.67 1.30
N HIS A 105 9.37 12.60 1.34
CA HIS A 105 10.79 12.29 1.22
C HIS A 105 11.30 11.93 2.60
N VAL A 106 11.72 10.67 2.78
CA VAL A 106 12.14 10.18 4.07
C VAL A 106 13.60 10.57 4.28
N THR A 107 13.81 11.54 5.15
CA THR A 107 15.13 12.05 5.51
C THR A 107 15.38 11.81 6.98
N PRO A 108 16.65 11.77 7.42
CA PRO A 108 16.91 11.66 8.85
C PRO A 108 16.15 12.72 9.64
N GLY A 109 15.59 12.30 10.76
CA GLY A 109 14.86 13.19 11.63
C GLY A 109 13.44 13.49 11.20
N THR A 110 12.91 12.76 10.22
CA THR A 110 11.52 12.93 9.85
C THR A 110 10.60 12.48 10.99
N VAL A 111 9.58 13.27 11.28
CA VAL A 111 8.59 12.94 12.31
C VAL A 111 7.22 12.90 11.65
N LEU A 112 6.61 11.72 11.67
CA LEU A 112 5.32 11.49 11.06
C LEU A 112 4.27 11.66 12.14
N VAL A 113 3.27 12.49 11.89
CA VAL A 113 2.24 12.84 12.86
C VAL A 113 0.90 12.40 12.32
N THR A 114 0.25 11.48 13.02
CA THR A 114 -1.03 10.92 12.59
C THR A 114 -2.13 11.33 13.57
N THR A 115 -3.29 11.67 13.05
CA THR A 115 -4.46 11.94 13.88
C THR A 115 -5.63 11.07 13.47
N LEU A 116 -6.49 10.78 14.44
CA LEU A 116 -7.71 10.03 14.17
C LEU A 116 -8.86 10.69 14.91
N THR A 117 -9.95 10.89 14.19
CA THR A 117 -11.20 11.33 14.78
C THR A 117 -12.28 10.34 14.36
N GLY A 118 -13.35 10.26 15.16
CA GLY A 118 -14.50 9.43 14.80
C GLY A 118 -14.76 8.37 15.84
N ASP A 119 -15.37 7.26 15.38
CA ASP A 119 -15.83 6.23 16.29
C ASP A 119 -15.59 4.87 15.64
N GLU A 120 -16.01 3.87 16.37
CA GLU A 120 -15.69 2.51 16.01
C GLU A 120 -16.40 1.99 14.77
N GLN A 121 -17.28 2.78 14.18
CA GLN A 121 -17.98 2.46 12.95
C GLN A 121 -17.32 3.11 11.74
N ARG A 122 -16.88 4.36 11.91
CA ARG A 122 -16.26 5.12 10.83
C ARG A 122 -15.38 6.18 11.46
N CYS A 123 -14.13 6.27 11.00
CA CYS A 123 -13.19 7.24 11.56
C CYS A 123 -12.34 7.83 10.43
N GLN A 124 -11.75 8.99 10.70
CA GLN A 124 -11.01 9.76 9.73
C GLN A 124 -9.59 9.88 10.22
N VAL A 125 -8.64 9.55 9.36
CA VAL A 125 -7.23 9.55 9.69
C VAL A 125 -6.54 10.59 8.80
N GLU A 126 -5.62 11.35 9.39
CA GLU A 126 -4.82 12.31 8.63
C GLU A 126 -3.36 12.08 9.00
N ILE A 127 -2.48 12.08 7.99
CA ILE A 127 -1.07 11.78 8.18
C ILE A 127 -0.26 12.95 7.68
N ARG A 128 0.48 13.53 8.59
CA ARG A 128 1.26 14.71 8.34
C ARG A 128 2.78 14.52 8.70
N THR A 129 3.65 15.43 8.26
CA THR A 129 5.05 15.51 8.76
C THR A 129 5.18 16.92 9.49
N ARG A 130 6.01 17.00 10.58
CA ARG A 130 6.27 18.21 11.35
C ARG A 130 7.09 19.07 10.31
N SER A 131 6.66 20.28 9.91
CA SER A 131 7.65 21.01 8.86
C SER A 131 8.98 21.37 9.53
N GLY A 135 4.98 23.98 12.14
CA GLY A 135 3.83 23.68 11.32
C GLY A 135 3.82 22.24 10.85
N TRP A 136 2.83 21.92 10.00
CA TRP A 136 2.66 20.56 9.51
C TRP A 136 2.27 20.58 8.03
N THR A 137 2.64 19.51 7.32
CA THR A 137 2.26 19.27 5.92
C THR A 137 1.46 17.97 5.86
N THR A 138 0.32 17.99 5.17
CA THR A 138 -0.53 16.80 5.06
C THR A 138 -0.10 15.93 3.87
N HIS A 139 0.15 14.65 4.14
CA HIS A 139 0.57 13.73 3.08
C HIS A 139 -0.53 12.81 2.63
N ALA A 140 -1.44 12.43 3.52
CA ALA A 140 -2.49 11.49 3.18
C ALA A 140 -3.64 11.68 4.14
N THR A 141 -4.83 11.35 3.66
CA THR A 141 -6.02 11.28 4.48
C THR A 141 -6.72 9.97 4.17
N ALA A 142 -7.42 9.41 5.16
CA ALA A 142 -8.12 8.15 4.93
C ALA A 142 -9.41 8.12 5.72
N THR A 143 -10.42 7.49 5.12
CA THR A 143 -11.63 7.12 5.83
C THR A 143 -11.59 5.61 6.09
N VAL A 144 -11.67 5.23 7.35
CA VAL A 144 -11.63 3.84 7.77
C VAL A 144 -12.99 3.47 8.34
N ALA A 145 -13.46 2.27 8.00
CA ALA A 145 -14.78 1.84 8.43
C ALA A 145 -14.71 0.36 8.83
N ARG A 146 -15.73 -0.09 9.54
CA ARG A 146 -15.81 -1.51 9.86
C ARG A 146 -15.83 -2.35 8.59
N ALA A 147 -15.10 -3.47 8.64
CA ALA A 147 -14.90 -4.32 7.47
C ALA A 147 -16.22 -4.91 6.99
N GLU A 148 -16.37 -4.95 5.69
CA GLU A 148 -17.39 -5.76 5.02
C GLU A 148 -16.85 -7.17 4.79
N PRO A 149 -17.56 -8.20 5.21
CA PRO A 149 -17.07 -9.57 5.00
C PRO A 149 -16.94 -9.91 3.52
N LEU A 150 -16.06 -10.88 3.26
CA LEU A 150 -15.92 -11.41 1.92
C LEU A 150 -17.18 -12.17 1.55
N ALA A 151 -17.77 -11.82 0.43
CA ALA A 151 -18.97 -12.47 -0.04
C ALA A 151 -18.65 -13.51 -1.10
N PRO A 152 -19.31 -14.66 -1.10
CA PRO A 152 -19.20 -15.55 -2.26
C PRO A 152 -19.87 -15.00 -3.51
N LEU A 153 -20.83 -14.09 -3.37
CA LEU A 153 -21.50 -13.50 -4.53
C LEU A 153 -21.63 -11.98 -4.37
N ASP A 166 -8.26 -18.88 -19.37
CA ASP A 166 -7.71 -17.76 -20.12
C ASP A 166 -6.29 -18.05 -20.60
N LEU A 167 -6.10 -18.00 -21.91
CA LEU A 167 -4.77 -18.20 -22.45
C LEU A 167 -3.89 -17.07 -21.91
N GLU A 168 -2.64 -17.44 -21.62
CA GLU A 168 -1.67 -16.49 -21.08
C GLU A 168 -0.50 -16.30 -22.03
N ASP A 169 0.29 -15.28 -21.72
CA ASP A 169 1.63 -15.10 -22.25
C ASP A 169 2.54 -14.89 -21.05
N GLN A 170 3.53 -15.77 -20.88
CA GLN A 170 4.47 -15.64 -19.77
C GLN A 170 5.34 -14.40 -19.99
N LEU A 171 5.69 -13.74 -18.88
CA LEU A 171 6.54 -12.56 -18.91
C LEU A 171 7.71 -12.76 -17.95
N ASP A 172 8.74 -11.95 -18.14
CA ASP A 172 9.94 -12.04 -17.31
C ASP A 172 9.88 -10.97 -16.23
N PRO A 173 9.87 -11.32 -14.94
CA PRO A 173 9.83 -10.27 -13.91
C PRO A 173 10.95 -9.26 -14.03
N ASP A 174 12.14 -9.65 -14.49
CA ASP A 174 13.22 -8.67 -14.64
C ASP A 174 12.82 -7.55 -15.58
N ASP A 175 12.01 -7.86 -16.61
CA ASP A 175 11.57 -6.84 -17.54
C ASP A 175 10.61 -5.86 -16.88
N LEU A 176 9.76 -6.34 -15.97
CA LEU A 176 8.88 -5.44 -15.23
C LEU A 176 9.69 -4.46 -14.38
N TYR A 177 10.63 -4.97 -13.59
CA TYR A 177 11.41 -4.08 -12.75
C TYR A 177 12.26 -3.12 -13.58
N GLN A 178 12.78 -3.57 -14.74
CA GLN A 178 13.49 -2.65 -15.62
C GLN A 178 12.59 -1.54 -16.12
N ARG A 179 11.37 -1.88 -16.54
CA ARG A 179 10.42 -0.84 -16.99
C ARG A 179 10.15 0.16 -15.88
N LEU A 180 9.92 -0.34 -14.67
CA LEU A 180 9.67 0.56 -13.53
C LEU A 180 10.86 1.46 -13.25
N ARG A 181 12.08 0.91 -13.27
CA ARG A 181 13.27 1.74 -13.03
C ARG A 181 13.44 2.78 -14.12
N GLY A 182 13.16 2.41 -15.38
CA GLY A 182 13.27 3.39 -16.45
C GLY A 182 12.28 4.52 -16.31
N ALA A 183 11.21 4.31 -15.55
CA ALA A 183 10.25 5.35 -15.22
C ALA A 183 10.60 6.10 -13.93
N GLY A 184 11.71 5.77 -13.29
CA GLY A 184 12.12 6.43 -12.05
C GLY A 184 11.67 5.75 -10.77
N GLN A 185 11.02 4.61 -10.87
CA GLN A 185 10.49 3.84 -9.75
C GLN A 185 11.51 2.75 -9.46
N GLN A 186 12.27 2.91 -8.38
CA GLN A 186 13.46 2.10 -8.10
C GLN A 186 13.22 1.24 -6.85
N HIS A 187 12.62 0.07 -7.06
CA HIS A 187 12.39 -0.86 -5.98
C HIS A 187 13.68 -1.60 -5.64
N GLY A 188 14.12 -1.51 -4.40
CA GLY A 188 15.25 -2.29 -3.95
C GLY A 188 14.83 -3.71 -3.59
N PRO A 189 15.79 -4.49 -3.08
CA PRO A 189 15.55 -5.94 -2.92
C PRO A 189 14.34 -6.28 -2.05
N ALA A 190 14.08 -5.49 -1.00
CA ALA A 190 12.97 -5.82 -0.13
C ALA A 190 11.63 -5.79 -0.85
N PHE A 191 11.52 -5.04 -1.95
CA PHE A 191 10.28 -4.90 -2.69
C PHE A 191 10.23 -5.75 -3.95
N GLN A 192 11.28 -6.51 -4.25
CA GLN A 192 11.32 -7.29 -5.49
C GLN A 192 10.70 -8.67 -5.25
N GLY A 193 9.40 -8.65 -5.03
CA GLY A 193 8.64 -9.83 -4.69
C GLY A 193 7.92 -10.52 -5.84
N ILE A 194 7.93 -9.96 -7.03
CA ILE A 194 7.33 -10.66 -8.16
C ILE A 194 8.35 -11.65 -8.71
N VAL A 195 8.02 -12.94 -8.65
CA VAL A 195 8.95 -13.99 -9.06
C VAL A 195 8.42 -14.80 -10.22
N GLY A 196 7.18 -14.61 -10.61
CA GLY A 196 6.66 -15.15 -11.85
C GLY A 196 5.58 -14.24 -12.36
N LEU A 197 5.42 -14.19 -13.67
CA LEU A 197 4.58 -13.16 -14.25
C LEU A 197 4.00 -13.65 -15.57
N ALA A 198 2.74 -13.31 -15.82
CA ALA A 198 2.06 -13.62 -17.06
C ALA A 198 0.99 -12.55 -17.29
N VAL A 199 0.53 -12.43 -18.53
CA VAL A 199 -0.56 -11.51 -18.87
C VAL A 199 -1.52 -12.25 -19.79
N THR A 200 -2.81 -12.09 -19.53
CA THR A 200 -3.81 -12.78 -20.31
C THR A 200 -4.08 -12.04 -21.62
N GLN A 201 -4.86 -12.70 -22.50
CA GLN A 201 -5.22 -12.06 -23.76
C GLN A 201 -6.02 -10.78 -23.51
N ALA A 202 -6.85 -10.78 -22.46
CA ALA A 202 -7.62 -9.59 -22.10
C ALA A 202 -6.77 -8.53 -21.43
N GLY A 203 -5.49 -8.80 -21.18
CA GLY A 203 -4.58 -7.81 -20.62
C GLY A 203 -4.46 -7.82 -19.12
N VAL A 204 -4.99 -8.84 -18.46
CA VAL A 204 -4.92 -8.94 -17.00
C VAL A 204 -3.58 -9.55 -16.62
N ALA A 205 -2.94 -8.99 -15.59
CA ALA A 205 -1.65 -9.49 -15.14
C ALA A 205 -1.84 -10.46 -14.00
N ARG A 206 -1.07 -11.56 -14.03
CA ARG A 206 -1.09 -12.59 -13.01
C ARG A 206 0.34 -12.84 -12.58
N ALA A 207 0.59 -12.67 -11.29
CA ALA A 207 1.94 -12.79 -10.74
C ALA A 207 1.99 -13.82 -9.62
N GLN A 208 3.09 -14.55 -9.59
CA GLN A 208 3.48 -15.30 -8.40
C GLN A 208 4.32 -14.38 -7.55
N VAL A 209 4.00 -14.28 -6.25
CA VAL A 209 4.63 -13.30 -5.38
C VAL A 209 5.18 -13.97 -4.13
N ARG A 210 6.19 -13.32 -3.55
CA ARG A 210 6.81 -13.78 -2.32
C ARG A 210 7.30 -12.55 -1.59
N LEU A 211 7.38 -12.66 -0.27
CA LEU A 211 7.88 -11.56 0.53
C LEU A 211 9.37 -11.75 0.75
N PRO A 212 10.23 -10.86 0.24
CA PRO A 212 11.67 -11.05 0.43
C PRO A 212 12.03 -11.04 1.91
N ALA A 213 13.10 -11.76 2.25
CA ALA A 213 13.49 -11.89 3.65
C ALA A 213 13.76 -10.54 4.28
N SER A 214 14.35 -9.60 3.52
CA SER A 214 14.70 -8.30 4.09
C SER A 214 13.49 -7.44 4.37
N ALA A 215 12.29 -7.87 3.99
CA ALA A 215 11.07 -7.19 4.35
C ALA A 215 10.41 -7.79 5.58
N ARG A 216 10.93 -8.89 6.14
CA ARG A 216 10.20 -9.59 7.17
C ARG A 216 10.45 -9.06 8.59
N THR A 217 11.66 -8.63 8.92
CA THR A 217 11.92 -8.10 10.27
C THR A 217 11.09 -6.87 10.53
N GLY A 218 10.69 -6.71 11.80
CA GLY A 218 10.02 -5.52 12.27
C GLY A 218 8.56 -5.44 11.91
N SER A 219 7.93 -6.57 11.58
CA SER A 219 6.60 -6.59 11.01
CA SER A 219 6.59 -6.58 11.02
C SER A 219 5.53 -7.10 11.97
N ARG A 220 5.91 -7.64 13.05
CA ARG A 220 4.93 -8.12 14.01
C ARG A 220 3.67 -7.23 14.25
N GLU A 221 3.85 -5.92 14.22
CA GLU A 221 2.76 -5.01 14.57
C GLU A 221 1.90 -4.60 13.37
N PHE A 222 2.19 -5.10 12.17
CA PHE A 222 1.45 -4.65 11.00
C PHE A 222 0.10 -5.33 10.89
N MET A 223 -0.87 -4.54 10.49
CA MET A 223 -2.21 -5.01 10.19
C MET A 223 -2.13 -5.51 8.71
N LEU A 224 -1.44 -4.79 7.95
N LEU A 224 -1.44 -4.79 7.96
CA LEU A 224 -1.31 -4.97 6.49
CA LEU A 224 -1.30 -4.99 6.51
C LEU A 224 0.15 -4.69 6.11
C LEU A 224 0.15 -4.70 6.14
N HIS A 225 0.86 -5.59 5.73
CA HIS A 225 2.29 -5.44 5.48
C HIS A 225 2.47 -4.54 4.22
N PRO A 226 3.00 -3.33 4.36
CA PRO A 226 3.11 -2.43 3.24
C PRO A 226 3.91 -2.98 2.02
N VAL A 227 4.97 -3.72 2.34
CA VAL A 227 5.84 -4.17 1.22
C VAL A 227 5.07 -5.18 0.40
N MET A 228 4.38 -6.06 1.10
CA MET A 228 3.48 -7.01 0.43
CA MET A 228 3.48 -7.01 0.41
C MET A 228 2.19 -6.46 -0.57
N MET A 229 1.61 -5.42 0.06
CA MET A 229 0.62 -4.64 -0.65
C MET A 229 1.31 -3.97 -1.88
N ASP A 230 2.49 -3.36 -1.70
CA ASP A 230 3.14 -2.75 -2.85
C ASP A 230 3.46 -3.80 -3.92
N ILE A 231 3.94 -4.97 -3.51
CA ILE A 231 4.25 -6.04 -4.46
C ILE A 231 3.01 -6.42 -5.23
N ALA A 232 1.87 -6.54 -4.55
CA ALA A 232 0.62 -6.81 -5.25
C ALA A 232 0.31 -5.73 -6.28
N LEU A 233 0.51 -4.45 -5.92
CA LEU A 233 0.26 -3.35 -6.86
C LEU A 233 1.19 -3.36 -8.06
N GLN A 234 2.43 -3.83 -7.88
CA GLN A 234 3.40 -3.86 -8.96
C GLN A 234 2.87 -4.66 -10.14
N THR A 235 1.96 -5.61 -9.89
CA THR A 235 1.39 -6.42 -10.96
C THR A 235 0.73 -5.56 -12.02
N LEU A 236 0.23 -4.37 -11.63
CA LEU A 236 -0.45 -3.50 -12.58
C LEU A 236 0.50 -3.03 -13.67
N GLY A 237 1.80 -3.06 -13.39
CA GLY A 237 2.82 -2.69 -14.36
C GLY A 237 2.95 -3.65 -15.51
N ALA A 238 2.36 -4.83 -15.41
CA ALA A 238 2.45 -5.83 -16.47
C ALA A 238 1.17 -5.94 -17.29
N THR A 239 0.15 -5.14 -16.98
CA THR A 239 -1.07 -5.17 -17.76
C THR A 239 -0.85 -4.61 -19.16
N ARG A 240 -1.76 -4.93 -20.07
CA ARG A 240 -1.69 -4.38 -21.42
C ARG A 240 -1.69 -2.85 -21.39
N THR A 241 -2.56 -2.25 -20.58
CA THR A 241 -2.58 -0.80 -20.48
C THR A 241 -1.22 -0.26 -20.08
N ALA A 242 -0.56 -0.91 -19.13
CA ALA A 242 0.72 -0.43 -18.66
C ALA A 242 1.81 -0.58 -19.71
N THR A 243 1.86 -1.73 -20.39
CA THR A 243 2.93 -1.94 -21.35
C THR A 243 2.72 -1.10 -22.60
N ASP A 244 1.46 -0.85 -22.98
CA ASP A 244 1.21 0.07 -24.09
C ASP A 244 1.72 1.46 -23.78
N LEU A 245 1.61 1.89 -22.52
CA LEU A 245 2.04 3.24 -22.16
C LEU A 245 3.55 3.34 -22.20
N ALA A 246 4.25 2.29 -21.74
CA ALA A 246 5.71 2.30 -21.78
C ALA A 246 6.26 2.06 -23.17
N GLY A 247 5.47 1.46 -24.06
CA GLY A 247 5.93 1.17 -25.41
C GLY A 247 5.79 2.34 -26.35
N SER A 259 10.24 5.91 -19.67
CA SER A 259 8.82 6.24 -19.79
C SER A 259 8.36 7.13 -18.64
N ALA A 260 7.05 7.31 -18.53
CA ALA A 260 6.48 8.23 -17.55
C ALA A 260 6.31 7.56 -16.20
N LEU A 261 6.43 8.36 -15.16
CA LEU A 261 6.27 7.89 -13.79
C LEU A 261 4.79 7.84 -13.43
N VAL A 262 4.35 6.69 -12.94
CA VAL A 262 2.95 6.45 -12.64
C VAL A 262 2.87 6.20 -11.13
N VAL A 263 2.17 7.07 -10.42
CA VAL A 263 2.12 6.91 -8.96
C VAL A 263 0.69 6.88 -8.47
N PRO A 264 0.40 6.07 -7.46
CA PRO A 264 -0.93 6.06 -6.87
C PRO A 264 -1.23 7.37 -6.18
N VAL A 265 -2.45 7.85 -6.37
CA VAL A 265 -2.94 9.04 -5.69
C VAL A 265 -4.18 8.78 -4.87
N ARG A 266 -4.87 7.66 -5.08
CA ARG A 266 -6.07 7.35 -4.32
C ARG A 266 -6.29 5.85 -4.32
N PHE A 267 -6.70 5.33 -3.18
CA PHE A 267 -7.20 3.97 -3.06
C PHE A 267 -8.64 4.06 -2.61
N ALA A 268 -9.47 3.16 -3.12
CA ALA A 268 -10.82 3.05 -2.59
C ALA A 268 -11.14 1.59 -2.39
N GLY A 269 -11.76 1.26 -1.26
CA GLY A 269 -12.19 -0.10 -1.01
C GLY A 269 -11.00 -1.03 -0.84
N VAL A 270 -10.18 -0.77 0.16
CA VAL A 270 -9.09 -1.67 0.51
C VAL A 270 -9.63 -2.65 1.57
N HIS A 271 -9.75 -3.91 1.17
CA HIS A 271 -10.27 -4.97 2.02
C HIS A 271 -9.15 -5.92 2.40
N VAL A 272 -9.06 -6.23 3.70
CA VAL A 272 -8.02 -7.09 4.24
C VAL A 272 -8.71 -8.21 5.00
N TYR A 273 -8.53 -9.44 4.55
CA TYR A 273 -9.25 -10.56 5.14
C TYR A 273 -8.38 -11.48 5.96
N GLY A 274 -7.06 -11.35 5.85
CA GLY A 274 -6.14 -12.13 6.65
C GLY A 274 -4.75 -11.56 6.55
N ASP A 275 -3.78 -12.36 6.98
CA ASP A 275 -2.37 -11.96 6.96
C ASP A 275 -1.85 -12.00 5.53
N ILE A 276 -1.65 -10.81 4.93
CA ILE A 276 -1.32 -10.79 3.51
C ILE A 276 0.10 -11.29 3.23
N THR A 277 0.94 -11.47 4.25
CA THR A 277 2.25 -12.06 3.98
C THR A 277 2.14 -13.53 3.57
N ARG A 278 0.96 -14.15 3.73
CA ARG A 278 0.72 -15.48 3.18
C ARG A 278 0.34 -15.45 1.71
N GLY A 279 0.31 -14.28 1.08
CA GLY A 279 -0.12 -14.21 -0.30
C GLY A 279 0.94 -14.78 -1.23
N VAL A 280 0.48 -15.54 -2.22
CA VAL A 280 1.36 -16.14 -3.22
C VAL A 280 0.96 -15.81 -4.64
N ARG A 281 -0.26 -15.32 -4.90
CA ARG A 281 -0.71 -14.98 -6.23
C ARG A 281 -1.40 -13.63 -6.20
N ALA A 282 -1.04 -12.76 -7.15
CA ALA A 282 -1.70 -11.48 -7.32
C ALA A 282 -2.22 -11.36 -8.73
N VAL A 283 -3.44 -10.86 -8.87
CA VAL A 283 -4.06 -10.63 -10.17
C VAL A 283 -4.45 -9.16 -10.24
N GLY A 284 -4.00 -8.46 -11.27
CA GLY A 284 -4.24 -7.04 -11.41
C GLY A 284 -4.77 -6.69 -12.78
N SER A 285 -5.74 -5.76 -12.79
CA SER A 285 -6.29 -5.21 -14.03
C SER A 285 -6.22 -3.71 -13.97
N LEU A 286 -5.97 -3.10 -15.12
CA LEU A 286 -5.76 -1.67 -15.23
C LEU A 286 -6.50 -1.14 -16.45
N ALA A 287 -7.18 -0.01 -16.28
CA ALA A 287 -7.91 0.67 -17.34
C ALA A 287 -7.57 2.16 -17.32
N ALA A 288 -7.57 2.78 -18.49
CA ALA A 288 -7.47 4.23 -18.60
C ALA A 288 -8.76 4.89 -18.12
N ALA A 289 -8.59 6.05 -17.49
CA ALA A 289 -9.69 6.90 -17.04
C ALA A 289 -9.27 8.32 -17.41
N GLY A 290 -9.49 8.68 -18.67
CA GLY A 290 -8.97 9.94 -19.16
C GLY A 290 -7.46 9.97 -19.05
N ASP A 291 -6.96 10.98 -18.36
CA ASP A 291 -5.51 11.15 -18.19
C ASP A 291 -4.97 10.36 -17.03
N ARG A 292 -5.82 9.64 -16.32
CA ARG A 292 -5.42 8.83 -15.19
C ARG A 292 -5.59 7.35 -15.51
N LEU A 293 -5.11 6.51 -14.60
CA LEU A 293 -5.25 5.06 -14.70
C LEU A 293 -5.95 4.55 -13.46
N VAL A 294 -6.81 3.55 -13.62
CA VAL A 294 -7.55 2.97 -12.50
C VAL A 294 -7.38 1.45 -12.53
N GLY A 295 -6.90 0.89 -11.42
CA GLY A 295 -6.63 -0.52 -11.34
C GLY A 295 -7.40 -1.19 -10.22
N GLU A 296 -7.32 -2.51 -10.22
CA GLU A 296 -7.94 -3.37 -9.22
C GLU A 296 -6.98 -4.54 -9.03
N VAL A 297 -6.72 -4.93 -7.78
CA VAL A 297 -5.82 -6.05 -7.50
C VAL A 297 -6.42 -6.97 -6.44
N VAL A 298 -6.19 -8.27 -6.61
CA VAL A 298 -6.56 -9.29 -5.63
C VAL A 298 -5.35 -10.15 -5.33
N LEU A 299 -5.05 -10.33 -4.04
CA LEU A 299 -3.98 -11.19 -3.56
C LEU A 299 -4.59 -12.38 -2.84
N THR A 300 -4.20 -13.58 -3.24
CA THR A 300 -4.70 -14.83 -2.66
C THR A 300 -3.60 -15.67 -2.06
N ASP A 301 -3.99 -16.52 -1.10
CA ASP A 301 -3.04 -17.47 -0.53
C ASP A 301 -2.98 -18.75 -1.38
N ALA A 302 -2.17 -19.70 -0.92
CA ALA A 302 -1.91 -20.91 -1.69
C ALA A 302 -3.16 -21.76 -1.85
N ASN A 303 -4.19 -21.54 -1.04
CA ASN A 303 -5.46 -22.25 -1.18
C ASN A 303 -6.53 -21.42 -1.87
N GLY A 304 -6.14 -20.35 -2.58
CA GLY A 304 -7.09 -19.56 -3.30
C GLY A 304 -7.92 -18.61 -2.46
N GLN A 305 -7.56 -18.39 -1.18
CA GLN A 305 -8.36 -17.50 -0.34
C GLN A 305 -7.93 -16.05 -0.54
N PRO A 306 -8.85 -15.14 -0.86
CA PRO A 306 -8.47 -13.73 -0.97
C PRO A 306 -8.02 -13.18 0.37
N LEU A 307 -6.86 -12.54 0.36
CA LEU A 307 -6.31 -11.92 1.54
C LEU A 307 -6.40 -10.41 1.48
N LEU A 308 -6.21 -9.85 0.29
CA LEU A 308 -6.24 -8.42 0.05
C LEU A 308 -7.02 -8.18 -1.22
N VAL A 309 -8.02 -7.31 -1.17
CA VAL A 309 -8.71 -6.87 -2.38
C VAL A 309 -8.68 -5.36 -2.38
N VAL A 310 -8.11 -4.77 -3.43
CA VAL A 310 -8.16 -3.32 -3.63
C VAL A 310 -9.12 -3.04 -4.77
N ASP A 311 -10.27 -2.43 -4.45
CA ASP A 311 -11.32 -2.20 -5.45
C ASP A 311 -10.89 -1.17 -6.50
N GLU A 312 -10.27 -0.07 -6.06
CA GLU A 312 -9.76 0.95 -6.98
C GLU A 312 -8.42 1.45 -6.51
N VAL A 313 -7.46 1.47 -7.42
CA VAL A 313 -6.22 2.20 -7.22
C VAL A 313 -6.13 3.18 -8.38
N GLU A 314 -6.19 4.46 -8.05
CA GLU A 314 -6.16 5.53 -9.03
C GLU A 314 -4.76 6.09 -9.12
N MET A 315 -4.19 6.14 -10.32
CA MET A 315 -2.82 6.57 -10.52
C MET A 315 -2.75 7.78 -11.44
N ALA A 316 -1.85 8.69 -11.09
CA ALA A 316 -1.53 9.84 -11.91
C ALA A 316 -0.29 9.54 -12.73
N VAL A 317 -0.24 10.13 -13.92
CA VAL A 317 0.84 9.87 -14.85
C VAL A 317 1.67 11.15 -14.95
N LEU A 318 2.91 11.06 -14.49
CA LEU A 318 3.79 12.22 -14.46
C LEU A 318 4.92 12.02 -15.47
C2 8Z2 B . -8.57 17.09 -0.60
C2 8Z2 B . -7.84 16.47 -2.27
C4 8Z2 B . -7.03 18.05 -2.08
C4 8Z2 B . -6.95 18.59 -1.94
C5 8Z2 B . -6.99 19.14 -1.33
C5 8Z2 B . -7.61 18.70 -0.80
C6 8Z2 B . -7.72 19.23 -0.26
C6 8Z2 B . -8.37 17.72 -0.38
C8 8Z2 B . -5.67 19.48 -2.96
C8 8Z2 B . -6.52 20.47 -1.05
C10 8Z2 B . 2.47 1.12 -13.21
C10 8Z2 B . 2.45 1.14 -13.17
C11 8Z2 B . 1.48 1.12 -14.31
C11 8Z2 B . 1.50 1.10 -14.29
C12 8Z2 B . 1.93 2.01 -15.40
C12 8Z2 B . 1.89 2.03 -15.37
N9 8Z2 B . -6.16 18.25 -3.05
N9 8Z2 B . -6.28 19.67 -2.08
N7 8Z2 B . -6.15 19.98 -1.86
N7 8Z2 B . -7.35 19.86 -0.25
N3 8Z2 B . -7.80 17.01 -1.73
N3 8Z2 B . -7.07 17.49 -2.71
N1 8Z2 B . -8.53 18.25 0.14
N1 8Z2 B . -8.51 16.61 -1.03
N6 8Z2 B . -7.59 20.37 0.39
N6 8Z2 B . -8.95 17.95 0.74
C1' 8Z2 B . -6.27 16.89 -3.90
C1' 8Z2 B . -5.55 20.04 -3.18
C2' 8Z2 B . -7.48 17.22 -4.70
C2' 8Z2 B . -4.14 20.58 -2.89
O2' 8Z2 B . -8.17 15.99 -4.51
O2' 8Z2 B . -4.23 21.78 -2.12
C3' 8Z2 B . -6.86 17.56 -6.15
C3' 8Z2 B . -3.55 20.81 -4.26
O3' 8Z2 B . -7.82 18.37 -6.89
O3' 8Z2 B . -4.09 22.00 -4.90
C4' 8Z2 B . -6.22 16.03 -6.34
C4' 8Z2 B . -4.08 19.45 -4.92
O4' 8Z2 B . -5.53 15.98 -5.01
O4' 8Z2 B . -5.45 19.03 -4.13
C5' 8Z2 B . -5.20 15.58 -7.37
C5' 8Z2 B . -2.86 18.50 -4.95
O5' 8Z2 B . -3.97 16.20 -7.32
O5' 8Z2 B . -1.73 19.23 -5.46
P1 8Z2 B . -3.68 17.64 -7.41
P1 8Z2 B . -0.87 18.82 -6.72
O11 8Z2 B . -3.79 17.96 -5.99
O11 8Z2 B . -0.12 17.70 -6.30
O12 8Z2 B . -4.72 18.51 -8.02
O12 8Z2 B . 0.20 19.72 -6.93
O6 8Z2 B . -2.15 18.00 -8.05
O6 8Z2 B . -1.58 18.44 -8.01
P2 8Z2 B . -0.96 18.51 -7.07
P2 8Z2 B . -2.39 17.13 -8.22
O21 8Z2 B . -1.48 18.98 -5.65
O21 8Z2 B . -2.15 16.89 -9.72
O22 8Z2 B . 0.02 19.47 -7.36
O22 8Z2 B . -3.73 16.86 -7.58
O7 8Z2 B . -0.25 17.04 -7.03
O7 8Z2 B . -1.39 16.01 -7.69
CPA 8Z2 B . -0.50 15.89 -7.86
CPA 8Z2 B . -0.19 15.81 -8.22
CPB 8Z2 B . 0.49 14.83 -7.32
CPB 8Z2 B . 0.64 14.75 -7.38
CP8 8Z2 B . 0.20 14.68 -5.82
CP8 8Z2 B . 0.23 14.68 -5.87
CP7 8Z2 B . 0.34 13.50 -8.01
CP7 8Z2 B . 0.44 13.37 -7.95
CP9 8Z2 B . 1.91 15.34 -7.54
CP9 8Z2 B . 2.15 15.13 -7.52
OP3 8Z2 B . -1.10 14.26 -5.73
OP3 8Z2 B . -1.08 14.27 -5.77
CP6 8Z2 B . 1.13 13.68 -5.08
CP6 8Z2 B . 1.13 13.69 -5.07
OP2 8Z2 B . 2.29 13.89 -5.05
OP2 8Z2 B . 2.29 13.90 -5.02
NP2 8Z2 B . 0.55 12.73 -4.35
NP2 8Z2 B . 0.55 12.74 -4.36
CP5 8Z2 B . 1.23 11.74 -3.53
CP5 8Z2 B . 1.23 11.76 -3.52
CP4 8Z2 B . 1.45 10.48 -4.34
CP4 8Z2 B . 1.45 10.49 -4.33
CP3 8Z2 B . 2.19 9.46 -3.43
CP3 8Z2 B . 2.20 9.47 -3.43
OP1 8Z2 B . 2.85 9.84 -2.52
OP1 8Z2 B . 2.84 9.84 -2.52
NP1 8Z2 B . 2.09 8.19 -3.72
NP1 8Z2 B . 2.08 8.20 -3.72
CP2 8Z2 B . 2.69 7.17 -2.93
CP2 8Z2 B . 2.70 7.17 -2.93
CP1 8Z2 B . 4.16 7.06 -3.18
CP1 8Z2 B . 4.16 7.07 -3.19
S 8Z2 B . 4.50 6.47 -4.87
S 8Z2 B . 4.50 6.47 -4.87
P3 8Z2 B . -8.21 19.91 -6.13
P3 8Z2 B . -3.57 22.71 -6.27
O31 8Z2 B . -6.67 20.43 -5.64
O31 8Z2 B . -2.06 23.01 -5.98
O32 8Z2 B . -8.88 19.90 -4.89
O32 8Z2 B . -4.34 24.07 -6.17
O33 8Z2 B . -8.80 20.99 -6.91
O33 8Z2 B . -3.79 21.96 -7.51
CA1 8Z2 B . 4.12 4.98 -4.76
CA1 8Z2 B . 4.13 4.97 -4.76
CA2 8Z2 B . 4.35 4.19 -5.99
CA2 8Z2 B . 4.34 4.18 -5.99
OA1 8Z2 B . 3.69 4.39 -3.82
OA1 8Z2 B . 3.69 4.38 -3.82
CA3 8Z2 B . 3.95 2.76 -5.95
CA3 8Z2 B . 3.96 2.75 -5.95
CA4 8Z2 B . 4.12 1.98 -7.19
CA4 8Z2 B . 4.13 1.98 -7.19
CA5 8Z2 B . 3.47 0.62 -7.14
CA5 8Z2 B . 3.47 0.63 -7.16
CA6 8Z2 B . 3.64 -0.08 -8.48
CA6 8Z2 B . 3.66 -0.08 -8.48
CA7 8Z2 B . 2.67 0.46 -9.54
CA7 8Z2 B . 2.72 0.49 -9.56
CA8 8Z2 B . 3.10 0.14 -10.96
CA8 8Z2 B . 3.12 0.08 -10.96
CA9 8Z2 B . 2.00 0.35 -12.03
CA9 8Z2 B . 2.03 0.28 -12.03
H2 8Z2 B . -9.21 16.27 -0.31
H2 8Z2 B . -7.95 15.56 -2.87
H8 8Z2 B . -4.92 19.93 -3.60
H8 8Z2 B . -6.13 21.47 -0.91
H102 8Z2 B . 3.40 0.68 -13.58
H102 8Z2 B . 3.43 0.80 -13.54
H101 8Z2 B . 2.67 2.13 -12.82
H101 8Z2 B . 2.55 2.15 -12.76
H112 8Z2 B . 0.51 1.48 -13.97
H112 8Z2 B . 0.49 1.38 -13.95
H111 8Z2 B . 1.37 0.11 -14.70
H111 8Z2 B . 1.46 0.08 -14.69
H122 8Z2 B . 2.88 1.68 -15.81
H122 8Z2 B . 2.87 1.76 -15.77
H123 8Z2 B . 2.02 3.04 -15.05
H123 8Z2 B . 1.92 3.06 -14.99
H121 8Z2 B . 1.18 1.99 -16.20
H121 8Z2 B . 1.16 1.97 -16.17
HN61 8Z2 B . -6.88 20.47 1.09
HN61 8Z2 B . -8.52 17.64 1.59
HN62 8Z2 B . -8.19 21.14 0.17
HN62 8Z2 B . -9.83 18.41 0.76
H1' 8Z2 B . -5.19 17.13 -4.10
H1' 8Z2 B . -6.18 20.80 -3.70
H2' 8Z2 B . -8.43 17.74 -4.34
H2' 8Z2 B . -3.56 19.86 -2.31
H1 8Z2 B . -8.71 15.78 -5.32
H1 8Z2 B . -4.74 22.53 -2.56
H3' 8Z2 B . -6.04 18.33 -6.17
H3' 8Z2 B . -2.47 21.02 -4.15
H4' 8Z2 B . -7.01 15.26 -6.46
H4' 8Z2 B . -4.37 19.55 -5.97
H5'2 8Z2 B . -5.62 15.76 -8.36
H5'2 8Z2 B . -3.05 17.62 -5.54
H5'1 8Z2 B . -5.05 14.50 -7.25
H5'1 8Z2 B . -2.64 18.18 -3.93
HPA2 8Z2 B . -0.29 16.11 -8.91
HPA2 8Z2 B . 0.28 16.82 -8.36
HPA1 8Z2 B . -1.53 15.54 -7.74
HPA1 8Z2 B . -0.37 15.54 -9.29
HP8 8Z2 B . 0.27 15.65 -5.29
HP8 8Z2 B . 0.29 15.66 -5.41
HP72 8Z2 B . 1.05 12.79 -7.58
HP72 8Z2 B . 1.08 12.64 -7.44
HP71 8Z2 B . -0.67 13.14 -7.86
HP71 8Z2 B . -0.60 13.07 -7.87
HP73 8Z2 B . 0.53 13.61 -9.07
HP73 8Z2 B . 0.72 13.38 -9.00
HP93 8Z2 B . 2.03 16.29 -7.00
HP93 8Z2 B . 2.33 16.02 -6.93
HP91 8Z2 B . 2.07 15.52 -8.60
HP91 8Z2 B . 2.44 15.33 -8.56
HP92 8Z2 B . 2.65 14.63 -7.18
HP92 8Z2 B . 2.82 14.34 -7.18
HP3 8Z2 B . -1.64 14.96 -5.26
HP3 8Z2 B . -1.62 15.01 -5.37
HP2 8Z2 B . -0.44 12.55 -4.31
HP2 8Z2 B . -0.44 12.57 -4.36
HP51 8Z2 B . 2.19 12.14 -3.14
HP51 8Z2 B . 2.18 12.15 -3.13
HP52 8Z2 B . 0.59 11.50 -2.68
HP52 8Z2 B . 0.59 11.51 -2.67
HP42 8Z2 B . 0.47 10.08 -4.73
HP42 8Z2 B . 0.48 10.09 -4.72
HP41 8Z2 B . 2.10 10.69 -5.19
HP41 8Z2 B . 2.10 10.70 -5.18
HP1 8Z2 B . 1.54 7.80 -4.47
HP1 8Z2 B . 1.55 7.80 -4.47
HP22 8Z2 B . 2.24 6.22 -3.21
HP22 8Z2 B . 2.24 6.22 -3.21
HP21 8Z2 B . 2.51 7.31 -1.86
HP21 8Z2 B . 2.51 7.31 -1.86
HP11 8Z2 B . 4.68 8.01 -3.01
HP11 8Z2 B . 4.68 8.02 -3.02
HP12 8Z2 B . 4.57 6.34 -2.47
HP12 8Z2 B . 4.56 6.35 -2.48
HA21 8Z2 B . 4.69 4.65 -6.91
HA21 8Z2 B . 4.69 4.64 -6.91
HA31 8Z2 B . 3.57 2.30 -5.04
HA31 8Z2 B . 3.57 2.30 -5.03
HA41 8Z2 B . 3.71 2.56 -8.03
HA41 8Z2 B . 3.71 2.56 -8.04
HA42 8Z2 B . 5.19 1.85 -7.37
HA42 8Z2 B . 5.19 1.83 -7.37
HA52 8Z2 B . 2.42 0.73 -6.88
HA52 8Z2 B . 2.41 0.74 -6.89
HA51 8Z2 B . 3.97 0.03 -6.38
HA51 8Z2 B . 3.96 0.03 -6.38
HA61 8Z2 B . 4.70 -0.09 -8.82
HA61 8Z2 B . 4.71 -0.10 -8.80
HA62 8Z2 B . 3.37 -1.13 -8.31
HA62 8Z2 B . 3.36 -1.12 -8.33
HA72 8Z2 B . 2.57 1.56 -9.50
HA72 8Z2 B . 2.71 1.59 -9.55
HA71 8Z2 B . 1.69 0.03 -9.37
HA71 8Z2 B . 1.71 0.14 -9.36
HA81 8Z2 B . 4.05 0.68 -11.10
HA81 8Z2 B . 4.10 0.55 -11.15
HA82 8Z2 B . 3.34 -0.93 -11.02
HA82 8Z2 B . 3.30 -1.01 -10.98
HA91 8Z2 B . 1.72 -0.67 -12.32
HA91 8Z2 B . 1.83 -0.75 -12.37
HA92 8Z2 B . 1.08 0.84 -11.66
HA92 8Z2 B . 1.07 0.68 -11.67
#